data_3MO1
#
_entry.id   3MO1
#
_cell.length_a   90.365
_cell.length_b   60.436
_cell.length_c   80.118
_cell.angle_alpha   90.00
_cell.angle_beta   91.22
_cell.angle_gamma   90.00
#
_symmetry.space_group_name_H-M   'C 1 2 1'
#
loop_
_entity.id
_entity.type
_entity.pdbx_description
1 polymer 'ANTI-HIV-1 ANTIBODY 13H11 LIGHT CHAIN'
2 polymer 'ANTI-HIV-1 ANTIBODY 13H11 HEAVY CHAIN'
3 non-polymer 'ACETATE ION'
4 non-polymer 'SULFATE ION'
5 water water
#
loop_
_entity_poly.entity_id
_entity_poly.type
_entity_poly.pdbx_seq_one_letter_code
_entity_poly.pdbx_strand_id
1 'polypeptide(L)'
;RLDIQLTQSPSSLAMSGGQKVTMRCKSSQSLLNSRNERNYLAWYQQKPGQSPKLLVYFASIRESGVPDRFIGSGSGTDFT
LTISSVQAEDLADYFCLQHYNTPWTFGGGTKLEIKRTVAAPSVFIFPPSDEQLKSGTASVVCLLNNFYPREAKVQWKVDN
ALQSGNSQESVTEQDSKDSTYSLSSTLTLSKADYEKHKVYACEVTHQGLSSPVTKSFNRGECGS
;
A
2 'polypeptide(L)'
;LQIQLVQSGPELKKPGETVKISCKASGYTFTDYSVHWVKQVPGKGLKWMGWINTETGEPTYADDFKGRFAFSLESSASTA
YLEIHNLKNEDTATYFCALGWLHWGLGTTLTVSSASTKGPSVFPLAPSSKSTSGGTAALGCLVKDYFPEPVTVSWNSGAL
TSGVHTFPAVLQSSGLYSLSSVVTVPSSSLGTQTYICNVNHKPSNTKVDKRVEPKSCDK
;
B
#
loop_
_chem_comp.id
_chem_comp.type
_chem_comp.name
_chem_comp.formula
ACT non-polymer 'ACETATE ION' 'C2 H3 O2 -1'
SO4 non-polymer 'SULFATE ION' 'O4 S -2'
#
# COMPACT_ATOMS: atom_id res chain seq x y z
N LEU A 2 3.46 -31.20 -14.73
CA LEU A 2 2.76 -30.03 -14.20
C LEU A 2 3.73 -29.02 -13.61
N ASP A 3 3.21 -27.86 -13.23
CA ASP A 3 4.01 -26.75 -12.76
C ASP A 3 4.59 -26.99 -11.37
N ILE A 4 5.77 -26.41 -11.11
CA ILE A 4 6.36 -26.49 -9.78
C ILE A 4 5.56 -25.65 -8.82
N GLN A 5 5.18 -26.24 -7.69
CA GLN A 5 4.41 -25.51 -6.69
C GLN A 5 5.29 -25.19 -5.49
N LEU A 6 5.23 -23.94 -5.05
CA LEU A 6 5.98 -23.47 -3.89
C LEU A 6 5.03 -23.21 -2.72
N THR A 7 5.29 -23.88 -1.60
CA THR A 7 4.46 -23.70 -0.42
C THR A 7 5.26 -22.95 0.65
N GLN A 8 4.80 -21.75 0.98
CA GLN A 8 5.45 -20.97 2.03
C GLN A 8 4.75 -21.14 3.34
N SER A 9 5.54 -21.23 4.41
CA SER A 9 4.99 -21.29 5.75
C SER A 9 5.93 -20.57 6.72
N PRO A 10 5.36 -19.95 7.76
CA PRO A 10 3.91 -19.83 7.92
C PRO A 10 3.44 -18.70 7.03
N SER A 11 2.13 -18.54 6.85
CA SER A 11 1.65 -17.46 6.01
C SER A 11 1.67 -16.13 6.76
N SER A 12 1.61 -16.16 8.10
CA SER A 12 1.84 -14.92 8.84
C SER A 12 2.62 -15.18 10.11
N LEU A 13 3.43 -14.21 10.50
CA LEU A 13 4.29 -14.34 11.67
C LEU A 13 4.29 -13.01 12.40
N ALA A 14 4.08 -13.05 13.71
CA ALA A 14 4.19 -11.84 14.52
C ALA A 14 5.36 -12.04 15.47
N MET A 15 6.35 -11.15 15.38
CA MET A 15 7.56 -11.29 16.19
C MET A 15 7.95 -9.94 16.78
N SER A 16 8.51 -9.94 17.99
CA SER A 16 8.96 -8.68 18.57
C SER A 16 10.37 -8.37 18.12
N GLY A 17 10.73 -7.09 18.14
CA GLY A 17 12.07 -6.69 17.75
C GLY A 17 13.14 -7.51 18.46
N GLY A 18 14.11 -8.00 17.70
CA GLY A 18 15.22 -8.76 18.25
C GLY A 18 15.03 -10.27 18.27
N GLN A 19 13.83 -10.74 17.96
CA GLN A 19 13.59 -12.16 17.89
C GLN A 19 14.13 -12.70 16.58
N LYS A 20 14.43 -13.98 16.55
CA LYS A 20 14.83 -14.62 15.30
C LYS A 20 13.58 -15.00 14.54
N VAL A 21 13.59 -14.72 13.24
CA VAL A 21 12.46 -15.05 12.37
C VAL A 21 12.93 -16.14 11.41
N THR A 22 12.12 -17.18 11.27
CA THR A 22 12.38 -18.25 10.31
C THR A 22 11.16 -18.43 9.41
N MET A 23 11.38 -18.32 8.10
CA MET A 23 10.33 -18.50 7.12
C MET A 23 10.74 -19.63 6.19
N ARG A 24 9.79 -20.45 5.77
CA ARG A 24 10.11 -21.65 4.99
C ARG A 24 9.46 -21.63 3.62
N CYS A 25 10.16 -22.19 2.65
CA CYS A 25 9.64 -22.37 1.29
C CYS A 25 9.91 -23.80 0.85
N LYS A 26 8.84 -24.57 0.64
CA LYS A 26 8.97 -25.96 0.21
C LYS A 26 8.48 -26.12 -1.21
N SER A 27 9.35 -26.64 -2.07
CA SER A 27 9.00 -26.81 -3.48
CA SER A 27 9.02 -26.85 -3.39
C SER A 27 8.52 -28.23 -3.77
N SER A 28 7.46 -28.34 -4.55
CA SER A 28 6.92 -29.64 -4.95
C SER A 28 7.99 -30.46 -5.66
N GLN A 29 8.98 -29.76 -6.22
CA GLN A 29 10.01 -30.40 -7.03
C GLN A 29 11.38 -29.78 -6.72
N SER A 30 12.45 -30.57 -6.84
CA SER A 30 13.80 -30.08 -6.52
C SER A 30 14.25 -28.93 -7.42
N LEU A 31 14.77 -27.88 -6.79
CA LEU A 31 15.23 -26.69 -7.54
C LEU A 31 16.72 -26.72 -7.79
N LEU A 32 17.37 -27.83 -7.47
CA LEU A 32 18.80 -28.00 -7.68
C LEU A 32 19.16 -28.41 -9.13
N ASN A 33 19.90 -27.54 -9.80
CA ASN A 33 20.36 -27.80 -11.15
C ASN A 33 21.67 -28.59 -11.07
N SER A 34 21.60 -29.88 -11.40
CA SER A 34 22.77 -30.76 -11.38
C SER A 34 23.89 -30.21 -12.28
N ARG A 35 23.48 -29.45 -13.28
CA ARG A 35 24.40 -28.85 -14.24
C ARG A 35 25.22 -27.72 -13.63
N ASN A 36 24.69 -27.13 -12.56
CA ASN A 36 25.23 -25.92 -11.93
C ASN A 36 25.56 -26.08 -10.45
N GLU A 37 24.97 -27.10 -9.83
CA GLU A 37 24.90 -27.24 -8.37
C GLU A 37 24.36 -25.96 -7.72
N ARG A 38 23.63 -25.18 -8.50
CA ARG A 38 22.94 -24.00 -7.98
C ARG A 38 21.45 -24.29 -7.77
N ASN A 39 20.89 -23.65 -6.76
CA ASN A 39 19.48 -23.79 -6.46
C ASN A 39 18.81 -22.54 -7.00
N TYR A 40 17.80 -22.74 -7.82
CA TYR A 40 17.19 -21.66 -8.57
C TYR A 40 16.01 -21.11 -7.80
N LEU A 41 16.32 -20.50 -6.66
CA LEU A 41 15.31 -19.89 -5.81
C LEU A 41 15.78 -18.51 -5.38
N ALA A 42 14.87 -17.53 -5.39
CA ALA A 42 15.18 -16.19 -4.90
C ALA A 42 14.16 -15.79 -3.81
N TRP A 43 14.58 -14.94 -2.87
CA TRP A 43 13.67 -14.42 -1.84
C TRP A 43 13.52 -12.93 -2.03
N TYR A 44 12.29 -12.43 -1.91
CA TYR A 44 11.99 -11.01 -2.02
C TYR A 44 11.31 -10.49 -0.78
N GLN A 45 11.48 -9.19 -0.57
CA GLN A 45 10.78 -8.42 0.46
C GLN A 45 9.93 -7.37 -0.22
N GLN A 46 8.67 -7.33 0.13
CA GLN A 46 7.80 -6.30 -0.41
C GLN A 46 7.16 -5.54 0.74
N LYS A 47 7.72 -4.38 1.02
CA LYS A 47 7.24 -3.53 2.10
C LYS A 47 5.95 -2.85 1.66
N PRO A 48 5.14 -2.41 2.65
CA PRO A 48 3.88 -1.72 2.34
C PRO A 48 4.05 -0.66 1.24
N GLY A 49 3.30 -0.82 0.16
CA GLY A 49 3.22 0.20 -0.88
C GLY A 49 4.38 0.24 -1.86
N GLN A 50 5.30 -0.73 -1.75
CA GLN A 50 6.47 -0.75 -2.63
C GLN A 50 6.46 -1.98 -3.53
N SER A 51 7.43 -2.01 -4.45
CA SER A 51 7.65 -3.13 -5.33
CA SER A 51 7.68 -3.18 -5.25
C SER A 51 8.60 -4.11 -4.64
N PRO A 52 8.58 -5.38 -5.05
CA PRO A 52 9.47 -6.36 -4.42
C PRO A 52 10.95 -6.03 -4.58
N LYS A 53 11.71 -6.30 -3.52
CA LYS A 53 13.15 -6.09 -3.53
C LYS A 53 13.85 -7.42 -3.29
N LEU A 54 14.86 -7.69 -4.10
CA LEU A 54 15.61 -8.91 -4.00
C LEU A 54 16.45 -8.97 -2.71
N LEU A 55 16.27 -10.01 -1.91
CA LEU A 55 17.07 -10.17 -0.69
C LEU A 55 18.20 -11.17 -0.90
N VAL A 56 17.83 -12.31 -1.46
CA VAL A 56 18.72 -13.44 -1.61
C VAL A 56 18.52 -14.08 -2.99
N TYR A 57 19.60 -14.43 -3.66
CA TYR A 57 19.46 -15.15 -4.93
C TYR A 57 20.27 -16.44 -4.94
N PHE A 58 19.89 -17.36 -5.82
CA PHE A 58 20.42 -18.71 -5.81
C PHE A 58 20.45 -19.28 -4.39
N ALA A 59 19.30 -19.13 -3.74
CA ALA A 59 19.01 -19.70 -2.43
C ALA A 59 19.77 -19.07 -1.27
N SER A 60 21.05 -18.77 -1.45
CA SER A 60 21.84 -18.41 -0.27
C SER A 60 22.78 -17.23 -0.44
N ILE A 61 22.73 -16.58 -1.59
CA ILE A 61 23.63 -15.47 -1.88
C ILE A 61 22.93 -14.15 -1.61
N ARG A 62 23.35 -13.45 -0.55
CA ARG A 62 22.70 -12.20 -0.19
C ARG A 62 23.02 -11.10 -1.18
N GLU A 63 21.99 -10.38 -1.59
CA GLU A 63 22.13 -9.30 -2.55
C GLU A 63 22.91 -8.14 -1.93
N SER A 64 23.74 -7.48 -2.74
CA SER A 64 24.49 -6.33 -2.26
C SER A 64 23.54 -5.31 -1.65
N GLY A 65 23.92 -4.71 -0.53
CA GLY A 65 23.08 -3.70 0.09
C GLY A 65 22.08 -4.25 1.11
N VAL A 66 21.81 -5.55 1.06
CA VAL A 66 20.88 -6.17 1.99
C VAL A 66 21.55 -6.42 3.34
N PRO A 67 20.87 -6.04 4.43
CA PRO A 67 21.44 -6.20 5.78
C PRO A 67 21.85 -7.65 6.04
N ASP A 68 22.97 -7.85 6.73
CA ASP A 68 23.47 -9.20 6.93
C ASP A 68 22.63 -10.03 7.89
N ARG A 69 21.63 -9.42 8.51
CA ARG A 69 20.69 -10.19 9.35
C ARG A 69 19.82 -11.12 8.49
N PHE A 70 19.78 -10.85 7.19
CA PHE A 70 19.02 -11.71 6.28
C PHE A 70 19.90 -12.85 5.80
N ILE A 71 19.45 -14.08 6.01
CA ILE A 71 20.21 -15.26 5.61
C ILE A 71 19.31 -16.26 4.89
N GLY A 72 19.66 -16.56 3.65
CA GLY A 72 18.99 -17.62 2.92
C GLY A 72 19.80 -18.91 3.01
N SER A 73 19.12 -20.03 3.07
CA SER A 73 19.79 -21.33 3.15
C SER A 73 18.85 -22.42 2.66
N GLY A 74 19.37 -23.63 2.60
CA GLY A 74 18.59 -24.76 2.12
C GLY A 74 19.03 -25.21 0.73
N SER A 75 18.45 -26.31 0.26
CA SER A 75 18.72 -26.79 -1.10
C SER A 75 17.71 -27.85 -1.48
N GLY A 76 17.64 -28.14 -2.78
CA GLY A 76 16.72 -29.15 -3.26
C GLY A 76 15.27 -28.70 -3.18
N THR A 77 14.55 -29.21 -2.19
CA THR A 77 13.12 -28.92 -2.06
C THR A 77 12.78 -28.06 -0.85
N ASP A 78 13.72 -27.89 0.07
CA ASP A 78 13.44 -27.16 1.31
C ASP A 78 14.37 -25.97 1.50
N PHE A 79 13.77 -24.78 1.57
CA PHE A 79 14.55 -23.55 1.72
C PHE A 79 14.08 -22.72 2.91
N THR A 80 14.96 -21.86 3.41
CA THR A 80 14.65 -21.08 4.60
C THR A 80 15.19 -19.68 4.43
N LEU A 81 14.40 -18.69 4.83
CA LEU A 81 14.93 -17.35 4.97
C LEU A 81 14.88 -17.04 6.44
N THR A 82 16.04 -16.69 7.01
CA THR A 82 16.12 -16.34 8.43
C THR A 82 16.43 -14.86 8.58
N ILE A 83 15.77 -14.20 9.53
CA ILE A 83 16.22 -12.89 9.98
C ILE A 83 16.77 -13.08 11.38
N SER A 84 18.08 -12.91 11.55
CA SER A 84 18.74 -13.29 12.80
CA SER A 84 18.76 -13.33 12.89
C SER A 84 18.19 -12.50 13.98
N SER A 85 17.93 -11.21 13.76
CA SER A 85 17.38 -10.33 14.79
C SER A 85 16.44 -9.33 14.11
N VAL A 86 15.14 -9.57 14.21
CA VAL A 86 14.18 -8.74 13.45
C VAL A 86 14.13 -7.28 13.93
N GLN A 87 14.06 -6.35 12.96
CA GLN A 87 13.98 -4.92 13.26
C GLN A 87 12.61 -4.40 12.87
N ALA A 88 12.19 -3.29 13.48
CA ALA A 88 10.89 -2.70 13.16
C ALA A 88 10.68 -2.51 11.66
N GLU A 89 11.74 -2.10 10.97
CA GLU A 89 11.62 -1.80 9.54
C GLU A 89 11.46 -3.07 8.68
N ASP A 90 11.64 -4.25 9.28
CA ASP A 90 11.50 -5.51 8.53
C ASP A 90 10.05 -5.93 8.29
N LEU A 91 9.12 -5.13 8.80
CA LEU A 91 7.70 -5.34 8.53
C LEU A 91 7.49 -5.37 7.02
N ALA A 92 6.97 -6.49 6.51
CA ALA A 92 6.83 -6.67 5.05
C ALA A 92 6.17 -8.01 4.72
N ASP A 93 5.81 -8.19 3.45
CA ASP A 93 5.49 -9.51 2.95
C ASP A 93 6.78 -10.07 2.34
N TYR A 94 7.05 -11.34 2.60
CA TYR A 94 8.22 -12.02 2.05
C TYR A 94 7.75 -13.13 1.11
N PHE A 95 8.33 -13.23 -0.07
CA PHE A 95 7.95 -14.35 -0.92
C PHE A 95 9.12 -14.92 -1.68
N CYS A 96 9.02 -16.20 -1.96
CA CYS A 96 10.04 -16.94 -2.70
C CYS A 96 9.60 -17.12 -4.14
N LEU A 97 10.59 -17.26 -5.02
CA LEU A 97 10.37 -17.43 -6.45
C LEU A 97 11.27 -18.54 -6.94
N GLN A 98 10.71 -19.51 -7.66
CA GLN A 98 11.56 -20.52 -8.32
C GLN A 98 11.65 -20.15 -9.77
N HIS A 99 12.85 -20.23 -10.30
CA HIS A 99 13.07 -19.93 -11.72
C HIS A 99 13.88 -21.09 -12.30
N TYR A 100 13.67 -22.28 -11.73
CA TYR A 100 14.30 -23.50 -12.22
C TYR A 100 13.74 -23.87 -13.59
N ASN A 101 12.41 -23.85 -13.68
CA ASN A 101 11.70 -24.23 -14.89
C ASN A 101 10.57 -23.26 -15.15
N THR A 102 10.20 -23.11 -16.42
CA THR A 102 9.03 -22.30 -16.74
C THR A 102 7.78 -23.19 -16.58
N PRO A 103 6.66 -22.59 -16.18
CA PRO A 103 6.57 -21.16 -15.84
C PRO A 103 7.24 -20.92 -14.48
N TRP A 104 7.86 -19.77 -14.29
CA TRP A 104 8.39 -19.41 -12.98
C TRP A 104 7.19 -19.32 -12.05
N THR A 105 7.35 -19.78 -10.80
CA THR A 105 6.24 -19.71 -9.85
C THR A 105 6.64 -19.15 -8.50
N PHE A 106 5.66 -18.61 -7.78
CA PHE A 106 5.91 -17.90 -6.53
C PHE A 106 5.26 -18.61 -5.36
N GLY A 107 5.87 -18.48 -4.17
CA GLY A 107 5.22 -18.90 -2.94
C GLY A 107 4.07 -17.95 -2.61
N GLY A 108 3.21 -18.38 -1.69
CA GLY A 108 2.04 -17.60 -1.32
C GLY A 108 2.35 -16.40 -0.44
N GLY A 109 3.57 -16.34 0.07
CA GLY A 109 3.98 -15.21 0.88
C GLY A 109 3.91 -15.45 2.38
N THR A 110 4.76 -14.76 3.11
CA THR A 110 4.68 -14.73 4.57
C THR A 110 4.59 -13.28 4.98
N LYS A 111 3.56 -12.92 5.74
CA LYS A 111 3.42 -11.56 6.23
C LYS A 111 4.06 -11.48 7.60
N LEU A 112 5.08 -10.65 7.72
CA LEU A 112 5.76 -10.46 8.99
C LEU A 112 5.25 -9.18 9.64
N GLU A 113 4.61 -9.35 10.80
CA GLU A 113 4.13 -8.23 11.62
C GLU A 113 5.01 -8.13 12.86
N ILE A 114 5.08 -6.95 13.45
CA ILE A 114 5.97 -6.69 14.56
C ILE A 114 5.16 -6.53 15.86
N LYS A 115 5.52 -7.30 16.88
CA LYS A 115 4.89 -7.14 18.19
C LYS A 115 5.67 -6.10 19.00
N ARG A 116 4.96 -5.30 19.79
CA ARG A 116 5.63 -4.30 20.61
C ARG A 116 4.81 -4.08 21.89
N THR A 117 5.27 -3.18 22.75
CA THR A 117 4.52 -2.88 23.98
C THR A 117 3.25 -2.09 23.72
N VAL A 118 2.33 -2.10 24.68
CA VAL A 118 1.12 -1.30 24.54
C VAL A 118 1.46 0.17 24.35
N ALA A 119 0.73 0.83 23.45
CA ALA A 119 0.84 2.26 23.24
C ALA A 119 -0.56 2.86 23.14
N ALA A 120 -0.82 3.87 23.95
CA ALA A 120 -2.15 4.46 23.97
C ALA A 120 -2.34 5.43 22.82
N PRO A 121 -3.56 5.44 22.24
CA PRO A 121 -3.82 6.38 21.14
C PRO A 121 -3.98 7.80 21.65
N SER A 122 -3.52 8.77 20.87
CA SER A 122 -3.93 10.15 21.04
C SER A 122 -5.18 10.31 20.20
N VAL A 123 -6.18 11.01 20.73
CA VAL A 123 -7.47 11.09 20.04
C VAL A 123 -7.78 12.52 19.65
N PHE A 124 -8.28 12.70 18.43
CA PHE A 124 -8.59 14.01 17.91
C PHE A 124 -9.93 13.91 17.19
N ILE A 125 -10.70 14.99 17.18
CA ILE A 125 -11.94 15.01 16.42
C ILE A 125 -11.97 16.21 15.47
N PHE A 126 -12.55 16.02 14.28
CA PHE A 126 -12.60 17.08 13.29
C PHE A 126 -14.02 17.34 12.81
N PRO A 127 -14.50 18.58 12.97
CA PRO A 127 -15.80 18.96 12.41
C PRO A 127 -15.72 18.98 10.89
N PRO A 128 -16.87 18.89 10.20
CA PRO A 128 -16.85 19.03 8.74
C PRO A 128 -16.46 20.46 8.36
N SER A 129 -15.86 20.65 7.19
CA SER A 129 -15.53 21.98 6.71
C SER A 129 -16.77 22.70 6.16
N ASP A 130 -16.74 24.03 6.20
CA ASP A 130 -17.80 24.84 5.62
C ASP A 130 -18.00 24.51 4.14
N GLU A 131 -16.90 24.31 3.43
CA GLU A 131 -16.95 23.98 2.02
C GLU A 131 -17.77 22.71 1.77
N GLN A 132 -17.54 21.67 2.58
CA GLN A 132 -18.28 20.43 2.39
C GLN A 132 -19.77 20.57 2.72
N LEU A 133 -20.08 21.28 3.81
CA LEU A 133 -21.47 21.43 4.22
C LEU A 133 -22.29 22.11 3.13
N LYS A 134 -21.71 23.17 2.55
CA LYS A 134 -22.31 23.87 1.43
C LYS A 134 -22.77 22.89 0.35
N SER A 135 -22.00 21.85 0.20
CA SER A 135 -22.20 20.84 -0.77
C SER A 135 -23.32 19.88 -0.46
N GLY A 136 -23.80 19.85 0.77
CA GLY A 136 -24.93 19.04 1.19
C GLY A 136 -24.60 17.86 2.09
N THR A 137 -23.34 17.71 2.48
CA THR A 137 -22.96 16.60 3.33
C THR A 137 -22.03 17.04 4.45
N ALA A 138 -22.05 16.30 5.54
CA ALA A 138 -21.14 16.55 6.66
C ALA A 138 -20.35 15.28 6.99
N SER A 139 -19.03 15.35 6.88
CA SER A 139 -18.17 14.25 7.33
C SER A 139 -17.47 14.66 8.62
N VAL A 140 -17.70 13.89 9.68
CA VAL A 140 -17.06 14.14 10.97
C VAL A 140 -16.01 13.04 11.17
N VAL A 141 -14.75 13.41 11.41
CA VAL A 141 -13.69 12.42 11.51
C VAL A 141 -13.11 12.35 12.90
N CYS A 142 -12.94 11.13 13.39
CA CYS A 142 -12.29 10.87 14.67
C CYS A 142 -10.99 10.13 14.37
N LEU A 143 -9.88 10.61 14.93
CA LEU A 143 -8.57 10.03 14.69
C LEU A 143 -7.97 9.42 15.96
N LEU A 144 -7.49 8.18 15.85
CA LEU A 144 -6.72 7.54 16.92
C LEU A 144 -5.30 7.41 16.37
N ASN A 145 -4.34 8.05 17.03
CA ASN A 145 -3.00 8.15 16.49
C ASN A 145 -1.94 7.36 17.26
N ASN A 146 -1.18 6.55 16.53
CA ASN A 146 0.01 5.88 17.05
C ASN A 146 -0.26 5.01 18.27
N PHE A 147 -1.08 3.97 18.08
CA PHE A 147 -1.42 3.09 19.19
C PHE A 147 -1.04 1.61 18.94
N TYR A 148 -1.02 0.82 20.02
CA TYR A 148 -0.79 -0.61 19.89
C TYR A 148 -1.36 -1.30 21.13
N PRO A 149 -2.01 -2.46 20.96
CA PRO A 149 -2.26 -3.18 19.71
C PRO A 149 -3.43 -2.60 18.93
N ARG A 150 -3.74 -3.25 17.81
CA ARG A 150 -4.75 -2.73 16.91
C ARG A 150 -6.17 -2.70 17.50
N GLU A 151 -6.45 -3.63 18.42
CA GLU A 151 -7.76 -3.71 19.02
C GLU A 151 -8.19 -2.38 19.66
N ALA A 152 -9.28 -1.83 19.17
CA ALA A 152 -9.80 -0.57 19.71
C ALA A 152 -11.29 -0.47 19.46
N LYS A 153 -11.98 0.22 20.35
CA LYS A 153 -13.41 0.41 20.22
C LYS A 153 -13.70 1.90 20.06
N VAL A 154 -14.35 2.27 18.97
CA VAL A 154 -14.73 3.67 18.73
C VAL A 154 -16.24 3.75 18.63
N GLN A 155 -16.85 4.59 19.47
CA GLN A 155 -18.30 4.80 19.42
C GLN A 155 -18.61 6.27 19.19
N TRP A 156 -19.58 6.52 18.31
CA TRP A 156 -20.04 7.87 18.05
C TRP A 156 -21.27 8.16 18.90
N LYS A 157 -21.26 9.30 19.58
CA LYS A 157 -22.43 9.79 20.30
C LYS A 157 -22.81 11.17 19.77
N VAL A 158 -24.08 11.35 19.47
CA VAL A 158 -24.54 12.64 18.95
C VAL A 158 -25.62 13.08 19.91
N ASP A 159 -25.44 14.25 20.50
CA ASP A 159 -26.30 14.71 21.58
C ASP A 159 -26.54 13.59 22.57
N ASN A 160 -25.46 12.90 22.92
CA ASN A 160 -25.45 11.85 23.94
C ASN A 160 -26.07 10.52 23.52
N ALA A 161 -26.57 10.47 22.29
CA ALA A 161 -27.19 9.25 21.78
C ALA A 161 -26.17 8.44 20.97
N LEU A 162 -25.99 7.18 21.36
CA LEU A 162 -25.10 6.28 20.63
C LEU A 162 -25.59 6.11 19.18
N GLN A 163 -24.67 6.32 18.24
CA GLN A 163 -24.94 6.16 16.81
C GLN A 163 -24.65 4.74 16.34
N SER A 164 -25.38 4.30 15.32
CA SER A 164 -25.03 3.07 14.64
C SER A 164 -25.38 3.22 13.18
N GLY A 165 -24.54 2.68 12.31
CA GLY A 165 -24.88 2.55 10.91
C GLY A 165 -24.48 3.68 9.97
N ASN A 166 -23.79 4.68 10.48
CA ASN A 166 -23.45 5.86 9.69
C ASN A 166 -21.94 6.18 9.71
N SER A 167 -21.12 5.19 10.06
CA SER A 167 -19.68 5.43 10.15
C SER A 167 -18.90 4.32 9.50
N GLN A 168 -17.67 4.63 9.11
CA GLN A 168 -16.73 3.65 8.54
C GLN A 168 -15.36 3.90 9.12
N GLU A 169 -14.65 2.82 9.45
CA GLU A 169 -13.30 2.94 9.98
C GLU A 169 -12.25 2.52 8.98
N SER A 170 -11.06 3.10 9.10
CA SER A 170 -9.91 2.62 8.35
C SER A 170 -8.70 2.57 9.25
N VAL A 171 -7.90 1.51 9.14
CA VAL A 171 -6.69 1.41 9.95
C VAL A 171 -5.45 1.41 9.04
N THR A 172 -4.38 2.05 9.48
CA THR A 172 -3.15 2.05 8.69
C THR A 172 -2.39 0.71 8.80
N GLU A 173 -1.49 0.50 7.85
CA GLU A 173 -0.45 -0.51 8.01
C GLU A 173 0.41 -0.12 9.23
N GLN A 174 1.10 -1.09 9.83
CA GLN A 174 1.96 -0.77 10.96
C GLN A 174 3.06 0.19 10.55
N ASP A 175 3.41 1.11 11.45
CA ASP A 175 4.49 2.05 11.19
C ASP A 175 5.85 1.32 11.17
N SER A 176 6.70 1.64 10.20
CA SER A 176 7.97 0.96 10.05
C SER A 176 9.01 1.36 11.08
N LYS A 177 8.74 2.43 11.81
CA LYS A 177 9.69 2.89 12.82
C LYS A 177 9.28 2.55 14.24
N ASP A 178 8.01 2.79 14.59
CA ASP A 178 7.54 2.52 15.96
C ASP A 178 6.52 1.39 16.08
N SER A 179 6.22 0.73 14.96
CA SER A 179 5.33 -0.44 14.94
C SER A 179 3.91 -0.15 15.47
N THR A 180 3.49 1.11 15.45
CA THR A 180 2.15 1.42 15.90
C THR A 180 1.17 1.46 14.74
N TYR A 181 -0.11 1.54 15.07
CA TYR A 181 -1.19 1.73 14.09
C TYR A 181 -1.84 3.07 14.28
N SER A 182 -2.51 3.56 13.25
CA SER A 182 -3.44 4.68 13.44
C SER A 182 -4.77 4.31 12.84
N LEU A 183 -5.84 4.93 13.33
CA LEU A 183 -7.18 4.58 12.90
C LEU A 183 -8.02 5.83 12.75
N SER A 184 -8.86 5.83 11.73
CA SER A 184 -9.81 6.89 11.51
C SER A 184 -11.22 6.28 11.53
N SER A 185 -12.16 7.01 12.11
CA SER A 185 -13.57 6.66 12.03
C SER A 185 -14.30 7.89 11.52
N THR A 186 -15.05 7.72 10.43
CA THR A 186 -15.69 8.84 9.80
C THR A 186 -17.21 8.68 9.84
N LEU A 187 -17.88 9.65 10.46
CA LEU A 187 -19.32 9.69 10.56
C LEU A 187 -19.83 10.58 9.43
N THR A 188 -20.73 10.08 8.59
CA THR A 188 -21.22 10.87 7.46
C THR A 188 -22.72 11.07 7.53
N LEU A 189 -23.14 12.34 7.55
CA LEU A 189 -24.54 12.70 7.59
C LEU A 189 -24.88 13.69 6.47
N SER A 190 -26.14 13.73 6.05
CA SER A 190 -26.59 14.80 5.18
C SER A 190 -26.48 16.09 5.97
N LYS A 191 -26.39 17.23 5.29
CA LYS A 191 -26.35 18.51 5.98
C LYS A 191 -27.59 18.67 6.85
N ALA A 192 -28.74 18.30 6.30
CA ALA A 192 -29.98 18.41 7.06
C ALA A 192 -29.85 17.72 8.41
N ASP A 193 -29.40 16.47 8.39
CA ASP A 193 -29.25 15.66 9.59
C ASP A 193 -28.19 16.20 10.55
N TYR A 194 -27.08 16.66 9.99
CA TYR A 194 -26.02 17.27 10.79
C TYR A 194 -26.56 18.47 11.59
N GLU A 195 -27.30 19.35 10.93
CA GLU A 195 -27.80 20.55 11.60
C GLU A 195 -28.96 20.28 12.57
N LYS A 196 -29.40 19.03 12.64
CA LYS A 196 -30.44 18.67 13.62
C LYS A 196 -29.86 18.50 15.03
N HIS A 197 -28.54 18.41 15.14
CA HIS A 197 -27.93 18.13 16.43
C HIS A 197 -26.81 19.10 16.75
N LYS A 198 -26.41 19.15 18.02
CA LYS A 198 -25.37 20.09 18.46
C LYS A 198 -24.05 19.43 18.85
N VAL A 199 -24.11 18.41 19.71
CA VAL A 199 -22.89 17.80 20.25
C VAL A 199 -22.46 16.53 19.52
N TYR A 200 -21.24 16.53 19.00
CA TYR A 200 -20.74 15.39 18.24
C TYR A 200 -19.51 14.88 18.94
N ALA A 201 -19.53 13.61 19.30
CA ALA A 201 -18.46 13.06 20.11
C ALA A 201 -18.06 11.67 19.67
N CYS A 202 -16.77 11.37 19.74
CA CYS A 202 -16.30 10.02 19.58
C CYS A 202 -15.67 9.54 20.88
N GLU A 203 -16.08 8.36 21.33
CA GLU A 203 -15.55 7.77 22.55
C GLU A 203 -14.67 6.57 22.20
N VAL A 204 -13.45 6.57 22.72
CA VAL A 204 -12.46 5.58 22.34
C VAL A 204 -12.08 4.73 23.55
N THR A 205 -12.16 3.42 23.37
CA THR A 205 -11.73 2.45 24.36
C THR A 205 -10.55 1.67 23.82
N HIS A 206 -9.49 1.58 24.64
CA HIS A 206 -8.26 0.90 24.26
C HIS A 206 -7.49 0.56 25.51
N GLN A 207 -6.76 -0.55 25.50
CA GLN A 207 -6.11 -1.01 26.71
C GLN A 207 -4.99 -0.10 27.19
N GLY A 208 -4.52 0.78 26.33
CA GLY A 208 -3.51 1.76 26.72
C GLY A 208 -4.12 2.94 27.47
N LEU A 209 -5.46 3.02 27.46
CA LEU A 209 -6.17 4.11 28.13
C LEU A 209 -6.78 3.60 29.44
N SER A 210 -6.58 4.34 30.52
CA SER A 210 -7.10 3.87 31.82
C SER A 210 -8.62 3.72 31.81
N SER A 211 -9.31 4.63 31.12
CA SER A 211 -10.74 4.49 30.84
C SER A 211 -11.04 5.19 29.52
N PRO A 212 -12.25 5.01 28.98
CA PRO A 212 -12.49 5.57 27.64
C PRO A 212 -12.28 7.07 27.56
N VAL A 213 -11.68 7.51 26.46
CA VAL A 213 -11.43 8.92 26.20
C VAL A 213 -12.46 9.43 25.20
N THR A 214 -13.13 10.52 25.54
CA THR A 214 -14.09 11.14 24.62
C THR A 214 -13.54 12.46 24.12
N LYS A 215 -13.69 12.70 22.81
CA LYS A 215 -13.39 13.98 22.21
C LYS A 215 -14.66 14.47 21.57
N SER A 216 -14.96 15.76 21.70
CA SER A 216 -16.19 16.29 21.13
C SER A 216 -16.10 17.76 20.73
N PHE A 217 -17.04 18.20 19.92
CA PHE A 217 -17.19 19.62 19.61
C PHE A 217 -18.68 19.95 19.54
N ASN A 218 -18.98 21.25 19.57
CA ASN A 218 -20.36 21.72 19.43
C ASN A 218 -20.62 22.35 18.07
N ARG A 219 -21.65 21.89 17.39
CA ARG A 219 -22.04 22.50 16.13
C ARG A 219 -22.65 23.87 16.39
N LEU B 1 25.87 2.74 -12.16
CA LEU B 1 24.55 3.15 -12.63
C LEU B 1 23.41 2.43 -11.90
N GLN B 2 22.39 3.19 -11.55
CA GLN B 2 21.19 2.64 -10.93
C GLN B 2 20.29 2.09 -12.04
N ILE B 3 19.98 0.81 -11.97
CA ILE B 3 18.98 0.25 -12.88
C ILE B 3 17.65 0.92 -12.64
N GLN B 4 17.01 1.37 -13.71
CA GLN B 4 15.69 1.95 -13.61
C GLN B 4 14.74 1.36 -14.64
N LEU B 5 13.59 0.89 -14.16
CA LEU B 5 12.49 0.48 -15.03
C LEU B 5 11.27 1.34 -14.67
N VAL B 6 10.99 2.33 -15.52
CA VAL B 6 9.89 3.26 -15.30
C VAL B 6 8.65 2.74 -16.02
N GLN B 7 7.56 2.53 -15.28
CA GLN B 7 6.33 2.03 -15.90
C GLN B 7 5.27 3.12 -16.01
N SER B 8 4.34 2.94 -16.95
CA SER B 8 3.28 3.92 -17.15
C SER B 8 2.31 3.98 -15.97
N GLY B 9 1.48 5.02 -15.92
CA GLY B 9 0.69 5.32 -14.74
C GLY B 9 -0.55 4.47 -14.57
N PRO B 10 -1.21 4.59 -13.41
CA PRO B 10 -2.43 3.83 -13.12
C PRO B 10 -3.47 4.09 -14.20
N GLU B 11 -4.20 3.06 -14.63
CA GLU B 11 -5.25 3.22 -15.62
C GLU B 11 -6.53 2.50 -15.25
N LEU B 12 -7.66 3.11 -15.64
CA LEU B 12 -8.97 2.51 -15.59
C LEU B 12 -9.43 2.22 -17.02
N LYS B 13 -9.87 1.00 -17.28
CA LYS B 13 -10.35 0.62 -18.59
C LYS B 13 -11.69 -0.10 -18.45
N LYS B 14 -12.51 -0.02 -19.48
CA LYS B 14 -13.77 -0.74 -19.48
C LYS B 14 -13.57 -2.15 -20.00
N PRO B 15 -14.41 -3.08 -19.55
CA PRO B 15 -14.42 -4.44 -20.08
C PRO B 15 -14.48 -4.42 -21.62
N GLY B 16 -13.62 -5.20 -22.26
CA GLY B 16 -13.61 -5.29 -23.72
C GLY B 16 -12.61 -4.36 -24.39
N GLU B 17 -12.11 -3.37 -23.65
CA GLU B 17 -11.15 -2.44 -24.24
C GLU B 17 -9.74 -3.03 -24.32
N THR B 18 -8.82 -2.28 -24.90
CA THR B 18 -7.42 -2.68 -24.99
C THR B 18 -6.57 -1.70 -24.18
N VAL B 19 -5.56 -2.19 -23.47
CA VAL B 19 -4.63 -1.29 -22.79
C VAL B 19 -3.19 -1.64 -23.15
N LYS B 20 -2.33 -0.64 -23.24
CA LYS B 20 -0.91 -0.88 -23.51
C LYS B 20 -0.08 -0.18 -22.45
N ILE B 21 0.68 -0.99 -21.70
CA ILE B 21 1.47 -0.54 -20.56
C ILE B 21 2.94 -0.55 -20.95
N SER B 22 3.68 0.48 -20.54
CA SER B 22 5.07 0.58 -20.93
C SER B 22 6.03 0.39 -19.77
N CYS B 23 7.23 -0.05 -20.13
CA CYS B 23 8.31 -0.27 -19.19
C CYS B 23 9.56 0.27 -19.85
N LYS B 24 9.99 1.47 -19.44
CA LYS B 24 11.13 2.15 -20.04
C LYS B 24 12.38 1.88 -19.23
N ALA B 25 13.40 1.32 -19.87
CA ALA B 25 14.63 0.92 -19.19
C ALA B 25 15.72 1.96 -19.31
N SER B 26 16.36 2.29 -18.19
CA SER B 26 17.51 3.18 -18.20
C SER B 26 18.49 2.75 -17.11
N GLY B 27 19.75 3.17 -17.25
CA GLY B 27 20.76 2.85 -16.25
C GLY B 27 21.43 1.51 -16.44
N TYR B 28 21.20 0.88 -17.60
CA TYR B 28 21.87 -0.38 -17.94
C TYR B 28 21.72 -0.66 -19.45
N THR B 29 22.44 -1.65 -19.95
CA THR B 29 22.33 -2.03 -21.36
C THR B 29 21.06 -2.86 -21.63
N PHE B 30 20.11 -2.26 -22.36
CA PHE B 30 18.79 -2.86 -22.56
C PHE B 30 18.86 -4.30 -23.08
N THR B 31 19.78 -4.53 -24.01
CA THR B 31 19.84 -5.81 -24.71
C THR B 31 20.54 -6.90 -23.90
N ASP B 32 20.96 -6.54 -22.68
CA ASP B 32 21.69 -7.45 -21.81
C ASP B 32 20.80 -8.39 -21.01
N TYR B 33 19.55 -7.96 -20.78
CA TYR B 33 18.63 -8.74 -19.96
C TYR B 33 17.26 -8.84 -20.60
N SER B 34 16.67 -10.02 -20.51
CA SER B 34 15.29 -10.18 -20.95
CA SER B 34 15.32 -10.23 -20.86
C SER B 34 14.35 -9.51 -19.95
N VAL B 35 13.17 -9.19 -20.42
CA VAL B 35 12.19 -8.49 -19.62
C VAL B 35 11.03 -9.42 -19.35
N HIS B 36 10.75 -9.67 -18.09
CA HIS B 36 9.64 -10.53 -17.71
C HIS B 36 8.47 -9.66 -17.25
N TRP B 37 7.29 -10.24 -17.26
CA TRP B 37 6.09 -9.54 -16.80
C TRP B 37 5.43 -10.40 -15.74
N VAL B 38 5.07 -9.77 -14.61
CA VAL B 38 4.45 -10.47 -13.51
C VAL B 38 3.17 -9.75 -13.11
N LYS B 39 2.11 -10.52 -12.86
CA LYS B 39 0.81 -9.99 -12.44
C LYS B 39 0.66 -10.19 -10.94
N GLN B 40 0.40 -9.11 -10.20
CA GLN B 40 0.09 -9.22 -8.79
C GLN B 40 -1.35 -8.78 -8.58
N VAL B 41 -2.19 -9.72 -8.16
CA VAL B 41 -3.61 -9.41 -7.95
C VAL B 41 -3.75 -8.64 -6.65
N PRO B 42 -4.88 -7.92 -6.49
CA PRO B 42 -5.08 -7.13 -5.27
C PRO B 42 -4.80 -7.93 -3.98
N GLY B 43 -5.13 -9.22 -4.02
CA GLY B 43 -4.92 -10.09 -2.88
C GLY B 43 -3.44 -10.30 -2.57
N LYS B 44 -2.59 -9.89 -3.51
CA LYS B 44 -1.12 -9.95 -3.40
C LYS B 44 -0.45 -11.20 -4.01
N GLY B 45 -1.25 -12.17 -4.43
CA GLY B 45 -0.72 -13.33 -5.13
C GLY B 45 0.04 -12.88 -6.38
N LEU B 46 1.08 -13.63 -6.74
CA LEU B 46 1.92 -13.29 -7.89
C LEU B 46 1.86 -14.38 -8.95
N LYS B 47 1.79 -13.95 -10.22
CA LYS B 47 1.72 -14.85 -11.36
C LYS B 47 2.64 -14.38 -12.48
N TRP B 48 3.57 -15.25 -12.86
CA TRP B 48 4.54 -14.99 -13.92
C TRP B 48 3.85 -15.12 -15.27
N MET B 49 3.96 -14.09 -16.11
CA MET B 49 3.20 -14.05 -17.35
C MET B 49 4.01 -14.52 -18.56
N GLY B 50 5.32 -14.45 -18.43
CA GLY B 50 6.21 -14.76 -19.55
C GLY B 50 7.33 -13.76 -19.68
N TRP B 51 8.01 -13.77 -20.83
CA TRP B 51 9.14 -12.89 -21.03
C TRP B 51 9.34 -12.54 -22.49
N ILE B 52 10.17 -11.52 -22.71
CA ILE B 52 10.55 -11.11 -24.05
C ILE B 52 12.07 -10.99 -24.17
N ASN B 53 12.60 -11.53 -25.26
CA ASN B 53 14.03 -11.45 -25.54
C ASN B 53 14.33 -10.05 -26.11
N THR B 54 15.23 -9.31 -25.47
CA THR B 54 15.45 -7.93 -25.88
C THR B 54 16.46 -7.82 -27.03
N GLU B 55 17.12 -8.93 -27.37
CA GLU B 55 18.00 -8.95 -28.54
C GLU B 55 17.22 -9.21 -29.81
N THR B 56 16.22 -10.09 -29.72
CA THR B 56 15.47 -10.52 -30.90
C THR B 56 14.04 -10.01 -30.94
N GLY B 57 13.50 -9.59 -29.81
CA GLY B 57 12.13 -9.13 -29.76
C GLY B 57 11.13 -10.27 -29.60
N GLU B 58 11.63 -11.50 -29.54
CA GLU B 58 10.74 -12.66 -29.45
C GLU B 58 10.11 -12.79 -28.06
N PRO B 59 8.78 -12.87 -28.00
CA PRO B 59 8.13 -13.09 -26.71
C PRO B 59 7.79 -14.56 -26.47
N THR B 60 7.74 -14.94 -25.21
CA THR B 60 7.28 -16.27 -24.80
C THR B 60 6.24 -16.10 -23.70
N TYR B 61 5.08 -16.73 -23.86
CA TYR B 61 3.98 -16.57 -22.90
C TYR B 61 3.78 -17.78 -22.01
N ALA B 62 3.47 -17.52 -20.74
CA ALA B 62 3.02 -18.58 -19.86
C ALA B 62 1.66 -19.04 -20.38
N ASP B 63 1.32 -20.30 -20.15
CA ASP B 63 0.08 -20.87 -20.68
C ASP B 63 -1.17 -20.03 -20.39
N ASP B 64 -1.28 -19.56 -19.16
CA ASP B 64 -2.45 -18.80 -18.73
C ASP B 64 -2.53 -17.44 -19.44
N PHE B 65 -1.47 -17.04 -20.11
CA PHE B 65 -1.41 -15.72 -20.73
C PHE B 65 -1.26 -15.79 -22.25
N LYS B 66 -1.63 -16.93 -22.82
CA LYS B 66 -1.59 -17.09 -24.27
C LYS B 66 -2.97 -16.83 -24.84
N GLY B 67 -3.13 -15.70 -25.52
CA GLY B 67 -4.42 -15.33 -26.07
C GLY B 67 -4.62 -13.83 -26.18
N ARG B 68 -4.90 -13.19 -25.05
CA ARG B 68 -5.13 -11.77 -25.06
C ARG B 68 -3.92 -10.89 -24.73
N PHE B 69 -2.77 -11.51 -24.52
CA PHE B 69 -1.60 -10.78 -24.06
C PHE B 69 -0.51 -10.73 -25.12
N ALA B 70 0.12 -9.57 -25.25
CA ALA B 70 1.20 -9.43 -26.21
C ALA B 70 2.34 -8.60 -25.63
N PHE B 71 3.54 -9.17 -25.62
CA PHE B 71 4.72 -8.40 -25.23
C PHE B 71 5.39 -7.94 -26.50
N SER B 72 5.90 -6.71 -26.48
CA SER B 72 6.62 -6.20 -27.63
C SER B 72 7.69 -5.26 -27.14
N LEU B 73 8.58 -4.82 -28.02
CA LEU B 73 9.51 -3.79 -27.59
C LEU B 73 9.74 -2.76 -28.68
N GLU B 74 10.33 -1.65 -28.26
CA GLU B 74 10.75 -0.60 -29.19
C GLU B 74 12.24 -0.43 -28.95
N SER B 75 13.04 -1.08 -29.78
CA SER B 75 14.49 -1.14 -29.56
C SER B 75 15.14 0.22 -29.34
N SER B 76 14.86 1.17 -30.23
CA SER B 76 15.52 2.47 -30.17
C SER B 76 15.19 3.23 -28.89
N ALA B 77 14.09 2.87 -28.25
CA ALA B 77 13.64 3.58 -27.06
C ALA B 77 13.86 2.79 -25.77
N SER B 78 14.50 1.63 -25.89
CA SER B 78 14.77 0.77 -24.73
C SER B 78 13.52 0.59 -23.88
N THR B 79 12.41 0.30 -24.55
CA THR B 79 11.12 0.23 -23.90
C THR B 79 10.43 -1.09 -24.22
N ALA B 80 9.92 -1.76 -23.19
CA ALA B 80 9.13 -2.97 -23.37
C ALA B 80 7.66 -2.64 -23.13
N TYR B 81 6.78 -3.34 -23.84
CA TYR B 81 5.35 -3.07 -23.73
C TYR B 81 4.58 -4.33 -23.42
N LEU B 82 3.51 -4.16 -22.65
CA LEU B 82 2.57 -5.23 -22.37
C LEU B 82 1.23 -4.75 -22.90
N GLU B 83 0.68 -5.44 -23.89
CA GLU B 83 -0.63 -5.06 -24.40
C GLU B 83 -1.64 -6.14 -24.06
N ILE B 84 -2.75 -5.74 -23.44
CA ILE B 84 -3.81 -6.66 -23.11
C ILE B 84 -5.06 -6.27 -23.86
N HIS B 85 -5.57 -7.17 -24.69
CA HIS B 85 -6.81 -6.87 -25.39
C HIS B 85 -8.02 -7.62 -24.81
N ASN B 86 -9.21 -7.14 -25.18
CA ASN B 86 -10.45 -7.69 -24.69
C ASN B 86 -10.49 -7.81 -23.17
N LEU B 87 -10.22 -6.70 -22.49
CA LEU B 87 -10.04 -6.68 -21.04
C LEU B 87 -11.20 -7.30 -20.26
N LYS B 88 -10.86 -8.04 -19.22
CA LYS B 88 -11.87 -8.69 -18.41
C LYS B 88 -11.73 -8.25 -16.96
N ASN B 89 -12.81 -8.41 -16.20
CA ASN B 89 -12.81 -8.05 -14.80
C ASN B 89 -11.58 -8.56 -14.06
N GLU B 90 -11.16 -9.77 -14.39
CA GLU B 90 -10.08 -10.44 -13.67
C GLU B 90 -8.71 -9.88 -14.01
N ASP B 91 -8.65 -9.00 -15.00
CA ASP B 91 -7.39 -8.36 -15.39
C ASP B 91 -6.97 -7.23 -14.42
N THR B 92 -7.86 -6.89 -13.48
CA THR B 92 -7.56 -5.88 -12.48
C THR B 92 -6.41 -6.36 -11.60
N ALA B 93 -5.33 -5.60 -11.57
CA ALA B 93 -4.08 -6.02 -10.94
C ALA B 93 -3.01 -4.97 -11.13
N THR B 94 -1.88 -5.19 -10.46
CA THR B 94 -0.68 -4.41 -10.70
C THR B 94 0.25 -5.28 -11.54
N TYR B 95 0.76 -4.71 -12.61
CA TYR B 95 1.64 -5.45 -13.52
C TYR B 95 3.05 -4.91 -13.40
N PHE B 96 4.00 -5.81 -13.17
CA PHE B 96 5.39 -5.45 -13.03
C PHE B 96 6.18 -5.93 -14.22
N CYS B 97 7.05 -5.09 -14.76
CA CYS B 97 8.11 -5.62 -15.61
C CYS B 97 9.27 -5.90 -14.68
N ALA B 98 10.13 -6.84 -15.05
CA ALA B 98 11.22 -7.26 -14.19
C ALA B 98 12.36 -7.76 -15.04
N LEU B 99 13.58 -7.47 -14.63
CA LEU B 99 14.73 -8.04 -15.31
C LEU B 99 14.99 -9.43 -14.73
N GLY B 100 14.23 -10.41 -15.21
CA GLY B 100 14.24 -11.75 -14.64
C GLY B 100 14.03 -11.66 -13.13
N TRP B 101 14.84 -12.37 -12.37
CA TRP B 101 14.72 -12.33 -10.90
C TRP B 101 15.51 -11.18 -10.27
N LEU B 102 16.23 -10.41 -11.09
CA LEU B 102 17.17 -9.42 -10.55
C LEU B 102 16.57 -8.12 -10.03
N HIS B 103 15.62 -7.55 -10.76
CA HIS B 103 15.13 -6.21 -10.48
C HIS B 103 13.69 -5.98 -10.96
N TRP B 104 12.82 -5.54 -10.06
CA TRP B 104 11.43 -5.27 -10.43
C TRP B 104 11.23 -3.78 -10.68
N GLY B 105 10.36 -3.46 -11.63
CA GLY B 105 9.91 -2.08 -11.80
C GLY B 105 8.91 -1.71 -10.72
N LEU B 106 8.36 -0.49 -10.79
CA LEU B 106 7.47 0.00 -9.75
C LEU B 106 6.02 -0.46 -9.93
N GLY B 107 5.74 -1.06 -11.08
CA GLY B 107 4.42 -1.59 -11.34
C GLY B 107 3.42 -0.60 -11.90
N THR B 108 2.47 -1.11 -12.67
CA THR B 108 1.36 -0.33 -13.18
C THR B 108 0.05 -0.94 -12.67
N THR B 109 -0.76 -0.12 -12.02
CA THR B 109 -2.04 -0.58 -11.46
C THR B 109 -3.18 -0.41 -12.46
N LEU B 110 -3.80 -1.52 -12.83
CA LEU B 110 -4.88 -1.52 -13.80
C LEU B 110 -6.19 -1.91 -13.13
N THR B 111 -7.22 -1.12 -13.35
CA THR B 111 -8.56 -1.45 -12.89
C THR B 111 -9.47 -1.57 -14.12
N VAL B 112 -10.22 -2.66 -14.18
CA VAL B 112 -11.17 -2.87 -15.26
C VAL B 112 -12.55 -2.78 -14.67
N SER B 113 -13.34 -1.83 -15.14
CA SER B 113 -14.64 -1.57 -14.54
C SER B 113 -15.50 -0.78 -15.51
N SER B 114 -16.81 -1.01 -15.46
CA SER B 114 -17.74 -0.24 -16.27
C SER B 114 -18.00 1.15 -15.67
N ALA B 115 -17.63 1.34 -14.41
CA ALA B 115 -17.90 2.59 -13.72
C ALA B 115 -17.03 3.71 -14.26
N SER B 116 -17.55 4.93 -14.19
CA SER B 116 -16.86 6.10 -14.74
C SER B 116 -15.76 6.56 -13.80
N THR B 117 -14.75 7.20 -14.34
CA THR B 117 -13.74 7.84 -13.53
C THR B 117 -14.33 9.07 -12.84
N LYS B 118 -13.88 9.30 -11.62
CA LYS B 118 -14.40 10.40 -10.81
C LYS B 118 -13.27 10.93 -9.93
N GLY B 119 -12.98 12.22 -10.07
CA GLY B 119 -11.95 12.83 -9.26
C GLY B 119 -12.47 13.19 -7.88
N PRO B 120 -11.56 13.23 -6.89
CA PRO B 120 -11.95 13.48 -5.49
C PRO B 120 -12.25 14.94 -5.20
N SER B 121 -13.10 15.17 -4.20
CA SER B 121 -13.24 16.48 -3.58
C SER B 121 -12.34 16.48 -2.35
N VAL B 122 -11.62 17.57 -2.13
CA VAL B 122 -10.66 17.64 -1.02
C VAL B 122 -11.04 18.70 -0.02
N PHE B 123 -11.23 18.27 1.22
CA PHE B 123 -11.70 19.15 2.28
C PHE B 123 -10.69 19.17 3.43
N PRO B 124 -10.53 20.33 4.09
CA PRO B 124 -9.58 20.41 5.19
C PRO B 124 -10.14 19.73 6.43
N LEU B 125 -9.26 19.03 7.15
CA LEU B 125 -9.54 18.60 8.53
C LEU B 125 -8.84 19.57 9.48
N ALA B 126 -9.58 20.55 9.98
CA ALA B 126 -8.93 21.70 10.59
C ALA B 126 -8.60 21.48 12.04
N PRO B 127 -7.40 21.88 12.45
CA PRO B 127 -6.95 21.78 13.85
C PRO B 127 -7.79 22.68 14.76
N SER B 128 -7.90 22.27 16.02
CA SER B 128 -8.64 23.04 17.01
C SER B 128 -8.36 22.57 18.44
N SER B 129 -9.13 23.08 19.40
CA SER B 129 -8.92 22.79 20.80
CA SER B 129 -8.69 22.78 20.86
C SER B 129 -9.27 21.34 21.05
N LYS B 130 -10.00 20.69 20.12
CA LYS B 130 -10.37 19.28 20.24
C LYS B 130 -9.63 18.36 19.29
N SER B 131 -8.73 18.91 18.52
CA SER B 131 -7.75 18.08 17.82
CA SER B 131 -7.73 18.03 17.91
C SER B 131 -6.40 18.41 18.46
N THR B 132 -6.44 18.55 19.80
CA THR B 132 -5.29 18.94 20.60
C THR B 132 -5.09 17.95 21.76
N SER B 133 -3.98 17.21 21.74
CA SER B 133 -3.69 16.18 22.74
C SER B 133 -2.34 16.41 23.39
N GLY B 134 -2.36 16.77 24.67
CA GLY B 134 -1.18 17.31 25.31
C GLY B 134 -0.91 18.65 24.65
N GLY B 135 0.29 18.82 24.13
CA GLY B 135 0.62 20.02 23.37
C GLY B 135 0.76 19.66 21.91
N THR B 136 0.03 18.63 21.49
CA THR B 136 0.06 18.17 20.12
C THR B 136 -1.27 18.43 19.44
N ALA B 137 -1.21 18.89 18.20
CA ALA B 137 -2.40 19.11 17.41
C ALA B 137 -2.37 18.20 16.21
N ALA B 138 -3.54 17.79 15.73
CA ALA B 138 -3.61 17.06 14.47
C ALA B 138 -4.38 17.89 13.45
N LEU B 139 -4.03 17.70 12.19
CA LEU B 139 -4.75 18.30 11.08
C LEU B 139 -4.63 17.35 9.90
N GLY B 140 -5.38 17.60 8.83
CA GLY B 140 -5.33 16.75 7.67
C GLY B 140 -6.19 17.19 6.51
N CYS B 141 -6.36 16.31 5.54
CA CYS B 141 -7.27 16.50 4.43
C CYS B 141 -8.13 15.27 4.23
N LEU B 142 -9.41 15.49 3.98
CA LEU B 142 -10.34 14.44 3.64
C LEU B 142 -10.42 14.42 2.12
N VAL B 143 -10.17 13.24 1.54
CA VAL B 143 -10.18 13.05 0.09
C VAL B 143 -11.36 12.16 -0.27
N LYS B 144 -12.45 12.76 -0.72
CA LYS B 144 -13.71 12.03 -0.77
C LYS B 144 -14.28 11.88 -2.16
N ASP B 145 -14.87 10.71 -2.40
CA ASP B 145 -15.70 10.47 -3.58
C ASP B 145 -14.88 10.40 -4.87
N TYR B 146 -13.95 9.45 -4.92
CA TYR B 146 -13.17 9.26 -6.13
C TYR B 146 -13.23 7.82 -6.63
N PHE B 147 -12.84 7.63 -7.89
CA PHE B 147 -12.77 6.31 -8.51
C PHE B 147 -11.92 6.38 -9.78
N PRO B 148 -11.07 5.36 -10.01
CA PRO B 148 -10.82 4.22 -9.13
C PRO B 148 -9.69 4.56 -8.18
N GLU B 149 -9.19 3.57 -7.45
CA GLU B 149 -7.93 3.74 -6.74
C GLU B 149 -6.82 3.71 -7.77
N PRO B 150 -5.65 4.29 -7.45
CA PRO B 150 -5.31 4.90 -6.17
C PRO B 150 -5.29 6.41 -6.26
N VAL B 151 -5.05 7.05 -5.13
CA VAL B 151 -4.81 8.48 -5.09
C VAL B 151 -3.57 8.68 -4.24
N THR B 152 -2.74 9.65 -4.61
CA THR B 152 -1.55 9.93 -3.81
C THR B 152 -1.74 11.23 -3.05
N VAL B 153 -1.20 11.27 -1.83
CA VAL B 153 -1.24 12.49 -1.05
C VAL B 153 0.14 12.78 -0.49
N SER B 154 0.56 14.04 -0.61
CA SER B 154 1.80 14.48 0.04
C SER B 154 1.47 15.73 0.82
N TRP B 155 2.42 16.18 1.63
CA TRP B 155 2.24 17.40 2.42
C TRP B 155 3.40 18.36 2.13
N ASN B 156 3.07 19.63 1.95
CA ASN B 156 4.06 20.64 1.62
C ASN B 156 5.01 20.21 0.49
N SER B 157 4.41 19.64 -0.55
CA SER B 157 5.14 19.18 -1.74
C SER B 157 6.24 18.15 -1.43
N GLY B 158 6.02 17.36 -0.37
CA GLY B 158 6.96 16.32 0.00
C GLY B 158 7.87 16.69 1.17
N ALA B 159 7.81 17.95 1.59
CA ALA B 159 8.72 18.43 2.63
C ALA B 159 8.27 18.02 4.03
N LEU B 160 6.98 17.73 4.18
CA LEU B 160 6.42 17.28 5.46
C LEU B 160 6.08 15.81 5.37
N THR B 161 6.87 14.97 6.07
CA THR B 161 6.62 13.53 6.09
C THR B 161 6.50 12.96 7.50
N SER B 162 7.20 13.58 8.45
CA SER B 162 7.17 13.09 9.82
C SER B 162 5.77 13.16 10.40
N GLY B 163 5.30 12.04 10.93
CA GLY B 163 4.01 11.97 11.58
C GLY B 163 2.83 11.95 10.62
N VAL B 164 3.09 11.90 9.32
CA VAL B 164 2.01 11.81 8.35
C VAL B 164 1.40 10.41 8.29
N HIS B 165 0.08 10.34 8.31
CA HIS B 165 -0.61 9.07 8.10
C HIS B 165 -1.68 9.21 7.03
N THR B 166 -1.50 8.52 5.90
CA THR B 166 -2.48 8.51 4.82
C THR B 166 -3.20 7.17 4.82
N PHE B 167 -4.47 7.18 5.21
CA PHE B 167 -5.23 5.96 5.46
C PHE B 167 -5.60 5.19 4.20
N PRO B 168 -5.63 3.85 4.29
CA PRO B 168 -6.26 3.04 3.23
C PRO B 168 -7.67 3.53 2.97
N ALA B 169 -8.05 3.54 1.69
CA ALA B 169 -9.36 4.05 1.34
C ALA B 169 -10.43 3.12 1.90
N VAL B 170 -11.61 3.66 2.18
CA VAL B 170 -12.78 2.83 2.40
C VAL B 170 -13.67 2.88 1.16
N LEU B 171 -14.45 1.84 0.98
CA LEU B 171 -15.44 1.79 -0.10
C LEU B 171 -16.77 2.27 0.46
N GLN B 172 -17.32 3.32 -0.13
CA GLN B 172 -18.63 3.82 0.27
C GLN B 172 -19.73 3.03 -0.43
N SER B 173 -20.94 3.05 0.11
CA SER B 173 -22.05 2.32 -0.49
C SER B 173 -22.32 2.79 -1.92
N SER B 174 -21.80 3.97 -2.24
CA SER B 174 -21.99 4.58 -3.57
C SER B 174 -21.05 3.99 -4.62
N GLY B 175 -20.09 3.19 -4.16
CA GLY B 175 -19.11 2.60 -5.05
C GLY B 175 -17.89 3.50 -5.21
N LEU B 176 -17.95 4.69 -4.62
CA LEU B 176 -16.83 5.62 -4.65
C LEU B 176 -15.95 5.41 -3.42
N TYR B 177 -14.67 5.74 -3.55
CA TYR B 177 -13.74 5.61 -2.44
C TYR B 177 -13.58 6.91 -1.68
N SER B 178 -13.03 6.81 -0.48
CA SER B 178 -12.75 8.00 0.30
C SER B 178 -11.62 7.66 1.26
N LEU B 179 -10.75 8.64 1.52
CA LEU B 179 -9.71 8.46 2.53
C LEU B 179 -9.37 9.79 3.17
N SER B 180 -8.59 9.74 4.24
CA SER B 180 -8.06 10.96 4.83
CA SER B 180 -8.07 10.95 4.85
C SER B 180 -6.56 10.83 5.01
N SER B 181 -5.87 11.97 5.03
CA SER B 181 -4.46 12.00 5.35
C SER B 181 -4.32 12.97 6.50
N VAL B 182 -3.60 12.58 7.54
CA VAL B 182 -3.49 13.43 8.71
C VAL B 182 -2.02 13.59 9.11
N VAL B 183 -1.75 14.57 9.95
CA VAL B 183 -0.40 14.77 10.47
C VAL B 183 -0.50 15.37 11.88
N THR B 184 0.46 15.06 12.74
CA THR B 184 0.52 15.70 14.05
C THR B 184 1.70 16.67 14.13
N VAL B 185 1.45 17.78 14.81
CA VAL B 185 2.37 18.90 14.83
C VAL B 185 2.22 19.57 16.20
N PRO B 186 3.13 20.49 16.53
CA PRO B 186 2.98 21.25 17.78
C PRO B 186 1.74 22.14 17.75
N SER B 187 0.97 22.16 18.83
CA SER B 187 -0.20 23.02 18.85
C SER B 187 0.23 24.48 18.98
N SER B 188 1.46 24.70 19.47
CA SER B 188 1.92 26.06 19.74
C SER B 188 2.23 26.82 18.46
N SER B 189 2.39 26.07 17.37
CA SER B 189 2.90 26.56 16.10
CA SER B 189 2.93 26.52 16.19
C SER B 189 1.85 26.73 15.00
N LEU B 190 0.58 26.55 15.33
CA LEU B 190 -0.46 26.53 14.29
C LEU B 190 -0.63 27.88 13.60
N GLY B 191 -0.15 28.95 14.24
CA GLY B 191 -0.32 30.29 13.72
C GLY B 191 0.83 30.72 12.85
N THR B 192 1.91 29.95 12.84
CA THR B 192 3.11 30.39 12.13
C THR B 192 3.56 29.40 11.06
N GLN B 193 3.11 28.16 11.16
CA GLN B 193 3.50 27.14 10.20
C GLN B 193 2.43 27.00 9.12
N THR B 194 2.85 26.58 7.93
CA THR B 194 1.91 26.38 6.84
C THR B 194 1.88 24.92 6.47
N TYR B 195 0.66 24.40 6.31
CA TYR B 195 0.47 22.99 6.03
C TYR B 195 -0.45 22.84 4.82
N ILE B 196 0.11 22.32 3.74
CA ILE B 196 -0.63 22.15 2.49
C ILE B 196 -0.67 20.68 2.10
N CYS B 197 -1.87 20.14 1.88
CA CYS B 197 -1.93 18.78 1.36
C CYS B 197 -2.04 18.84 -0.16
N ASN B 198 -1.26 17.97 -0.79
CA ASN B 198 -1.20 17.89 -2.24
C ASN B 198 -1.82 16.57 -2.64
N VAL B 199 -2.96 16.63 -3.30
CA VAL B 199 -3.68 15.42 -3.72
C VAL B 199 -3.56 15.22 -5.22
N ASN B 200 -3.17 14.02 -5.64
CA ASN B 200 -3.06 13.69 -7.07
C ASN B 200 -3.85 12.41 -7.39
N HIS B 201 -4.84 12.53 -8.26
CA HIS B 201 -5.58 11.38 -8.72
C HIS B 201 -5.38 11.26 -10.22
N LYS B 202 -4.34 10.53 -10.61
CA LYS B 202 -3.92 10.46 -12.00
C LYS B 202 -5.01 9.93 -12.94
N PRO B 203 -5.79 8.92 -12.50
CA PRO B 203 -6.81 8.41 -13.40
C PRO B 203 -7.82 9.48 -13.84
N SER B 204 -7.88 10.62 -13.15
CA SER B 204 -8.75 11.71 -13.59
C SER B 204 -8.03 13.06 -13.76
N ASN B 205 -6.71 13.01 -13.89
CA ASN B 205 -5.92 14.24 -14.02
C ASN B 205 -6.30 15.31 -13.01
N THR B 206 -6.71 14.88 -11.82
CA THR B 206 -7.06 15.80 -10.75
C THR B 206 -5.85 16.06 -9.87
N LYS B 207 -5.46 17.32 -9.74
CA LYS B 207 -4.46 17.73 -8.77
C LYS B 207 -5.04 18.87 -7.96
N VAL B 208 -4.92 18.79 -6.65
CA VAL B 208 -5.38 19.86 -5.80
C VAL B 208 -4.40 20.11 -4.67
N ASP B 209 -4.19 21.38 -4.35
CA ASP B 209 -3.43 21.77 -3.18
C ASP B 209 -4.40 22.47 -2.25
N LYS B 210 -4.48 22.01 -1.02
CA LYS B 210 -5.41 22.58 -0.06
C LYS B 210 -4.64 23.02 1.16
N ARG B 211 -4.65 24.31 1.45
CA ARG B 211 -4.04 24.81 2.68
C ARG B 211 -4.95 24.49 3.85
N VAL B 212 -4.37 23.95 4.92
CA VAL B 212 -5.14 23.55 6.07
C VAL B 212 -4.76 24.41 7.27
N GLU B 213 -5.71 25.18 7.78
CA GLU B 213 -5.43 26.06 8.91
C GLU B 213 -6.53 26.00 9.96
N PRO B 214 -6.23 26.44 11.18
CA PRO B 214 -7.24 26.47 12.25
C PRO B 214 -8.48 27.18 11.74
N LYS B 215 -9.66 26.65 12.05
CA LYS B 215 -10.90 27.20 11.49
C LYS B 215 -11.22 28.60 12.00
C ACT C . 14.59 -15.10 19.92
O ACT C . 14.29 -15.57 18.81
OXT ACT C . 15.81 -14.83 20.08
CH3 ACT C . 13.57 -14.86 20.99
C ACT D . 13.93 -0.74 1.81
O ACT D . 13.42 -0.44 0.72
OXT ACT D . 13.62 0.00 2.78
CH3 ACT D . 14.85 -1.89 1.99
C ACT E . 18.27 -17.74 -14.43
O ACT E . 18.32 -16.72 -15.15
OXT ACT E . 19.28 -17.93 -13.72
CH3 ACT E . 17.09 -18.65 -14.41
C ACT F . 18.20 -11.33 -23.81
O ACT F . 18.88 -10.33 -24.08
OXT ACT F . 18.81 -12.42 -23.61
CH3 ACT F . 16.71 -11.24 -23.71
C ACT G . 8.73 -11.81 -32.97
O ACT G . 9.80 -12.08 -33.26
OXT ACT G . 8.54 -10.63 -32.41
CH3 ACT G . 7.43 -12.55 -33.30
S SO4 H . -14.15 14.56 -12.60
O1 SO4 H . -14.49 14.52 -11.12
O2 SO4 H . -15.03 15.62 -13.25
O3 SO4 H . -12.82 15.07 -12.67
O4 SO4 H . -14.58 13.32 -13.13
#